data_6F22
#
_entry.id   6F22
#
_cell.length_a   59.466
_cell.length_b   66.626
_cell.length_c   83.076
_cell.angle_alpha   90.00
_cell.angle_beta   90.00
_cell.angle_gamma   90.00
#
_symmetry.space_group_name_H-M   'P 21 21 21'
#
loop_
_entity.id
_entity.type
_entity.pdbx_description
1 polymer '7,8-dihydro-8-oxoguanine triphosphatase'
2 non-polymer (3~{S})-3-phenyl-4-(2~{H}-pyrazolo[3,4-b]pyridin-4-yl)morpholine
3 non-polymer 'SULFATE ION'
4 water water
#
_entity_poly.entity_id   1
_entity_poly.type   'polypeptide(L)'
_entity_poly.pdbx_seq_one_letter_code
;GSHMGASRLYTLVLVLQPQRVLLGMKKRGFGAGRWNGFGGKVQEGETIEDGARRELQEESGLTVDALHKVGQIVFEFVGE
PELMDVHVFCTDSIQGTPVESDEMRPCWFQLDQIPFKDMWPDDSYWFPLLLQKKKFHGYFKFQGQDTILDYTLREVDTV
;
_entity_poly.pdbx_strand_id   A,B
#
loop_
_chem_comp.id
_chem_comp.type
_chem_comp.name
_chem_comp.formula
C9B non-polymer (3~{S})-3-phenyl-4-(2~{H}-pyrazolo[3,4-b]pyridin-4-yl)morpholine 'C16 H16 N4 O'
SO4 non-polymer 'SULFATE ION' 'O4 S -2'
#
# COMPACT_ATOMS: atom_id res chain seq x y z
N HIS A 3 10.64 -1.17 -7.93
CA HIS A 3 10.17 -1.94 -9.12
C HIS A 3 11.13 -1.78 -10.29
N MET A 4 11.80 -2.89 -10.62
CA MET A 4 12.87 -2.87 -11.60
C MET A 4 12.34 -2.99 -13.00
N GLY A 5 13.02 -2.32 -13.91
CA GLY A 5 12.71 -2.39 -15.32
C GLY A 5 12.40 -1.02 -15.87
N ALA A 6 12.56 -0.89 -17.18
CA ALA A 6 12.22 0.33 -17.87
C ALA A 6 10.72 0.56 -17.68
N SER A 7 10.39 1.82 -17.46
CA SER A 7 9.02 2.22 -17.37
C SER A 7 8.77 3.35 -18.36
N ARG A 8 7.52 3.47 -18.74
CA ARG A 8 7.06 4.46 -19.69
C ARG A 8 6.30 5.49 -18.90
N LEU A 9 6.62 6.77 -19.14
CA LEU A 9 5.94 7.88 -18.45
C LEU A 9 4.54 8.14 -19.01
N TYR A 10 3.57 8.28 -18.10
CA TYR A 10 2.21 8.69 -18.44
C TYR A 10 1.79 9.76 -17.46
N THR A 11 0.75 10.49 -17.88
CA THR A 11 0.08 11.48 -17.03
C THR A 11 -1.37 11.13 -16.86
N LEU A 12 -1.92 11.57 -15.74
CA LEU A 12 -3.34 11.40 -15.45
C LEU A 12 -3.76 12.66 -14.71
N VAL A 13 -4.81 13.31 -15.22
CA VAL A 13 -5.25 14.59 -14.72
C VAL A 13 -6.70 14.51 -14.27
N LEU A 14 -6.93 14.89 -13.01
CA LEU A 14 -8.26 14.97 -12.45
C LEU A 14 -8.63 16.41 -12.23
N VAL A 15 -9.63 16.87 -12.97
CA VAL A 15 -10.23 18.17 -12.76
C VAL A 15 -11.24 18.02 -11.63
N LEU A 16 -10.86 18.46 -10.44
CA LEU A 16 -11.62 18.21 -9.22
C LEU A 16 -12.07 19.54 -8.67
N GLN A 17 -13.35 19.83 -8.85
CA GLN A 17 -13.97 21.03 -8.30
C GLN A 17 -14.58 20.66 -6.96
N PRO A 18 -15.05 21.66 -6.19
CA PRO A 18 -15.55 21.33 -4.86
C PRO A 18 -16.65 20.27 -4.77
N GLN A 19 -17.55 20.21 -5.76
CA GLN A 19 -18.66 19.27 -5.71
C GLN A 19 -18.74 18.31 -6.91
N ARG A 20 -17.73 18.30 -7.78
CA ARG A 20 -17.77 17.45 -8.96
C ARG A 20 -16.37 17.22 -9.52
N VAL A 21 -16.25 16.14 -10.27
CA VAL A 21 -14.99 15.77 -10.94
C VAL A 21 -15.31 15.48 -12.41
N LEU A 22 -14.40 15.89 -13.28
CA LEU A 22 -14.52 15.63 -14.69
C LEU A 22 -13.78 14.34 -15.00
N LEU A 23 -14.47 13.46 -15.70
CA LEU A 23 -13.86 12.23 -16.22
C LEU A 23 -14.16 12.12 -17.71
N GLY A 24 -13.38 11.32 -18.40
CA GLY A 24 -13.61 11.08 -19.81
C GLY A 24 -13.82 9.61 -20.08
N MET A 25 -14.80 9.30 -20.93
CA MET A 25 -14.99 7.95 -21.42
C MET A 25 -13.97 7.75 -22.54
N LYS A 26 -13.07 6.79 -22.36
CA LYS A 26 -12.02 6.52 -23.35
C LYS A 26 -12.65 5.80 -24.54
N LYS A 27 -12.46 6.38 -25.71
CA LYS A 27 -13.19 6.01 -26.92
C LYS A 27 -12.42 5.03 -27.79
N ARG A 28 -11.12 4.97 -27.60
CA ARG A 28 -10.29 4.06 -28.38
C ARG A 28 -9.02 3.70 -27.64
N GLY A 29 -8.32 2.71 -28.18
CA GLY A 29 -7.07 2.26 -27.60
C GLY A 29 -7.25 1.43 -26.35
N PHE A 30 -6.16 1.30 -25.61
CA PHE A 30 -6.12 0.46 -24.43
C PHE A 30 -6.98 1.08 -23.32
N GLY A 31 -7.87 0.27 -22.73
CA GLY A 31 -8.85 0.77 -21.76
C GLY A 31 -10.08 1.48 -22.31
N ALA A 32 -10.31 1.42 -23.63
CA ALA A 32 -11.54 1.97 -24.22
C ALA A 32 -12.76 1.38 -23.50
N GLY A 33 -13.77 2.23 -23.22
CA GLY A 33 -14.98 1.78 -22.54
C GLY A 33 -15.04 2.07 -21.06
N ARG A 34 -13.94 2.58 -20.48
CA ARG A 34 -13.90 3.00 -19.09
C ARG A 34 -13.78 4.52 -18.97
N TRP A 35 -14.36 5.06 -17.90
CA TRP A 35 -14.14 6.44 -17.48
C TRP A 35 -12.79 6.52 -16.80
N ASN A 36 -12.03 7.55 -17.14
CA ASN A 36 -10.76 7.83 -16.48
C ASN A 36 -10.42 9.29 -16.52
N GLY A 37 -9.41 9.68 -15.75
CA GLY A 37 -8.88 11.02 -15.86
C GLY A 37 -8.24 11.22 -17.22
N PHE A 38 -7.86 12.45 -17.52
CA PHE A 38 -7.30 12.75 -18.83
C PHE A 38 -5.79 12.57 -18.78
N GLY A 39 -5.23 12.17 -19.90
CA GLY A 39 -3.80 12.02 -19.96
C GLY A 39 -3.41 10.99 -20.97
N GLY A 40 -2.16 10.54 -20.87
CA GLY A 40 -1.62 9.62 -21.83
C GLY A 40 -0.11 9.60 -21.72
N LYS A 41 0.51 9.07 -22.75
CA LYS A 41 1.96 8.95 -22.78
C LYS A 41 2.63 10.31 -22.87
N VAL A 42 3.73 10.46 -22.16
CA VAL A 42 4.56 11.64 -22.24
C VAL A 42 5.51 11.49 -23.45
N GLN A 43 5.64 12.53 -24.24
CA GLN A 43 6.48 12.51 -25.45
C GLN A 43 7.90 13.00 -25.19
N GLU A 44 8.78 12.73 -26.13
CA GLU A 44 10.11 13.35 -26.13
C GLU A 44 9.96 14.86 -26.28
N GLY A 45 10.77 15.60 -25.54
CA GLY A 45 10.82 17.05 -25.73
C GLY A 45 9.78 17.83 -24.96
N GLU A 46 9.03 17.18 -24.07
CA GLU A 46 8.15 17.91 -23.17
C GLU A 46 8.40 17.42 -21.75
N THR A 47 8.19 18.30 -20.78
CA THR A 47 8.14 17.89 -19.40
C THR A 47 6.88 17.05 -19.14
N ILE A 48 6.88 16.39 -17.99
CA ILE A 48 5.74 15.57 -17.58
C ILE A 48 4.51 16.49 -17.45
N GLU A 49 4.65 17.60 -16.74
CA GLU A 49 3.50 18.51 -16.60
C GLU A 49 3.07 19.08 -17.97
N ASP A 50 4.03 19.40 -18.85
CA ASP A 50 3.69 19.82 -20.23
C ASP A 50 2.86 18.75 -20.93
N GLY A 51 3.24 17.49 -20.78
CA GLY A 51 2.50 16.39 -21.38
C GLY A 51 1.10 16.27 -20.84
N ALA A 52 0.97 16.44 -19.54
CA ALA A 52 -0.35 16.46 -18.89
C ALA A 52 -1.24 17.56 -19.47
N ARG A 53 -0.67 18.75 -19.64
CA ARG A 53 -1.43 19.87 -20.22
C ARG A 53 -1.79 19.57 -21.67
N ARG A 54 -0.84 19.01 -22.42
CA ARG A 54 -1.08 18.70 -23.83
C ARG A 54 -2.22 17.72 -23.96
N GLU A 55 -2.18 16.66 -23.16
CA GLU A 55 -3.19 15.60 -23.25
C GLU A 55 -4.55 16.12 -22.83
N LEU A 56 -4.60 16.92 -21.77
CA LEU A 56 -5.86 17.51 -21.33
C LEU A 56 -6.46 18.36 -22.43
N GLN A 57 -5.65 19.20 -23.08
CA GLN A 57 -6.17 20.03 -24.19
C GLN A 57 -6.61 19.21 -25.38
N GLU A 58 -5.80 18.22 -25.78
CA GLU A 58 -6.16 17.39 -26.91
C GLU A 58 -7.47 16.65 -26.64
N GLU A 59 -7.64 16.17 -25.42
CA GLU A 59 -8.73 15.24 -25.11
C GLU A 59 -10.04 15.92 -24.72
N SER A 60 -9.96 17.13 -24.17
CA SER A 60 -11.12 17.86 -23.67
C SER A 60 -11.22 19.32 -24.13
N GLY A 61 -10.19 19.83 -24.81
CA GLY A 61 -10.10 21.23 -25.16
C GLY A 61 -9.69 22.19 -24.06
N LEU A 62 -9.56 21.70 -22.82
CA LEU A 62 -9.31 22.56 -21.67
C LEU A 62 -7.85 22.90 -21.52
N THR A 63 -7.60 24.14 -21.16
CA THR A 63 -6.34 24.55 -20.58
C THR A 63 -6.62 24.85 -19.11
N VAL A 64 -5.55 24.95 -18.32
CA VAL A 64 -5.67 25.20 -16.90
C VAL A 64 -4.60 26.18 -16.47
N ASP A 65 -4.86 26.83 -15.35
CA ASP A 65 -3.87 27.73 -14.78
C ASP A 65 -2.74 26.93 -14.15
N ALA A 66 -3.09 25.98 -13.29
CA ALA A 66 -2.14 25.20 -12.53
C ALA A 66 -2.51 23.73 -12.48
N LEU A 67 -1.48 22.88 -12.47
CA LEU A 67 -1.62 21.45 -12.19
C LEU A 67 -0.79 21.18 -10.97
N HIS A 68 -1.35 20.39 -10.05
CA HIS A 68 -0.69 20.02 -8.81
C HIS A 68 -0.41 18.54 -8.78
N LYS A 69 0.81 18.18 -8.42
CA LYS A 69 1.20 16.78 -8.29
C LYS A 69 0.50 16.18 -7.08
N VAL A 70 -0.24 15.10 -7.30
CA VAL A 70 -0.93 14.44 -6.19
C VAL A 70 -0.60 12.98 -6.00
N GLY A 71 -0.01 12.34 -7.00
CA GLY A 71 0.34 10.95 -6.82
C GLY A 71 1.20 10.39 -7.90
N GLN A 72 1.70 9.19 -7.62
CA GLN A 72 2.43 8.42 -8.62
C GLN A 72 1.91 7.00 -8.50
N ILE A 73 1.61 6.38 -9.65
CA ILE A 73 1.19 4.98 -9.69
C ILE A 73 2.04 4.24 -10.70
N VAL A 74 2.60 3.12 -10.26
CA VAL A 74 3.28 2.20 -11.16
C VAL A 74 2.34 1.03 -11.45
N PHE A 75 2.15 0.72 -12.75
CA PHE A 75 1.39 -0.43 -13.18
C PHE A 75 2.29 -1.47 -13.84
N GLU A 76 2.11 -2.73 -13.44
CA GLU A 76 2.64 -3.87 -14.18
C GLU A 76 1.45 -4.57 -14.78
N PHE A 77 1.52 -4.86 -16.07
CA PHE A 77 0.58 -5.75 -16.74
C PHE A 77 1.33 -7.04 -17.06
N VAL A 78 0.83 -8.15 -16.53
CA VAL A 78 1.47 -9.46 -16.74
C VAL A 78 1.63 -9.69 -18.24
N GLY A 79 2.85 -10.08 -18.63
CA GLY A 79 3.17 -10.34 -20.02
C GLY A 79 3.63 -9.14 -20.84
N GLU A 80 3.50 -7.93 -20.30
CA GLU A 80 3.95 -6.70 -20.96
C GLU A 80 5.29 -6.30 -20.37
N PRO A 81 6.33 -6.13 -21.19
CA PRO A 81 7.66 -5.84 -20.62
C PRO A 81 7.80 -4.49 -19.94
N GLU A 82 7.09 -3.48 -20.45
CA GLU A 82 7.25 -2.12 -19.98
C GLU A 82 6.30 -1.84 -18.81
N LEU A 83 6.84 -1.32 -17.72
CA LEU A 83 5.99 -0.82 -16.62
C LEU A 83 5.43 0.53 -17.02
N MET A 84 4.27 0.89 -16.45
CA MET A 84 3.73 2.22 -16.64
C MET A 84 4.01 3.05 -15.40
N ASP A 85 4.61 4.20 -15.59
CA ASP A 85 4.91 5.13 -14.52
C ASP A 85 3.99 6.33 -14.67
N VAL A 86 2.87 6.33 -13.93
CA VAL A 86 1.82 7.33 -14.09
C VAL A 86 1.92 8.43 -13.04
N HIS A 87 2.10 9.66 -13.52
CA HIS A 87 2.14 10.86 -12.69
C HIS A 87 0.76 11.48 -12.68
N VAL A 88 0.19 11.54 -11.48
CA VAL A 88 -1.18 11.99 -11.28
C VAL A 88 -1.18 13.43 -10.83
N PHE A 89 -2.04 14.23 -11.47
CA PHE A 89 -2.23 15.65 -11.15
C PHE A 89 -3.68 15.96 -10.89
N CYS A 90 -3.92 17.00 -10.10
N CYS A 90 -3.90 17.00 -10.09
N CYS A 90 -3.89 17.03 -10.14
CA CYS A 90 -5.25 17.55 -9.95
CA CYS A 90 -5.22 17.60 -9.88
CA CYS A 90 -5.20 17.59 -9.84
C CYS A 90 -5.22 19.04 -10.23
C CYS A 90 -5.19 19.04 -10.34
C CYS A 90 -5.20 19.05 -10.27
N THR A 91 -6.37 19.58 -10.62
CA THR A 91 -6.53 21.00 -10.92
C THR A 91 -7.95 21.42 -10.60
N ASP A 92 -8.09 22.67 -10.18
CA ASP A 92 -9.39 23.32 -10.00
C ASP A 92 -9.32 24.68 -10.66
N SER A 93 -8.61 24.78 -11.79
CA SER A 93 -8.43 26.05 -12.48
C SER A 93 -8.60 25.91 -13.98
N ILE A 94 -9.66 25.24 -14.39
CA ILE A 94 -9.89 25.07 -15.82
C ILE A 94 -10.33 26.37 -16.45
N GLN A 95 -10.02 26.50 -17.73
CA GLN A 95 -10.21 27.76 -18.47
C GLN A 95 -11.24 27.66 -19.60
N GLY A 96 -12.25 26.84 -19.41
CA GLY A 96 -13.27 26.68 -20.44
C GLY A 96 -14.23 25.58 -20.09
N THR A 97 -15.03 25.19 -21.07
CA THR A 97 -16.00 24.12 -20.96
C THR A 97 -15.40 22.95 -21.74
N PRO A 98 -15.39 21.76 -21.13
CA PRO A 98 -14.84 20.62 -21.86
C PRO A 98 -15.72 20.22 -23.05
N VAL A 99 -15.07 19.72 -24.10
CA VAL A 99 -15.75 19.19 -25.30
C VAL A 99 -15.19 17.83 -25.67
N GLU A 100 -16.01 17.02 -26.32
CA GLU A 100 -15.60 15.70 -26.77
C GLU A 100 -14.51 15.75 -27.83
N SER A 101 -13.61 14.77 -27.76
CA SER A 101 -12.53 14.61 -28.71
C SER A 101 -12.63 13.23 -29.34
N ASP A 102 -11.72 12.98 -30.28
CA ASP A 102 -11.50 11.63 -30.80
C ASP A 102 -11.21 10.60 -29.72
N GLU A 103 -10.51 11.02 -28.68
CA GLU A 103 -10.01 10.10 -27.65
C GLU A 103 -10.95 9.95 -26.44
N MET A 104 -11.67 11.02 -26.08
CA MET A 104 -12.39 11.07 -24.80
C MET A 104 -13.72 11.81 -24.93
N ARG A 105 -14.74 11.28 -24.26
CA ARG A 105 -16.04 11.96 -24.11
C ARG A 105 -16.13 12.45 -22.65
N PRO A 106 -16.02 13.77 -22.41
CA PRO A 106 -16.01 14.26 -21.02
C PRO A 106 -17.38 14.39 -20.41
N CYS A 107 -17.48 14.11 -19.11
CA CYS A 107 -18.70 14.31 -18.36
CA CYS A 107 -18.70 14.34 -18.34
C CYS A 107 -18.33 14.65 -16.91
N TRP A 108 -19.14 15.51 -16.27
CA TRP A 108 -19.00 15.82 -14.87
C TRP A 108 -19.75 14.81 -14.04
N PHE A 109 -19.15 14.44 -12.90
CA PHE A 109 -19.78 13.55 -11.95
C PHE A 109 -19.77 14.18 -10.58
N GLN A 110 -20.90 14.11 -9.88
CA GLN A 110 -20.93 14.46 -8.46
C GLN A 110 -20.02 13.51 -7.70
N LEU A 111 -19.42 14.00 -6.61
CA LEU A 111 -18.40 13.22 -5.90
C LEU A 111 -18.94 11.96 -5.20
N ASP A 112 -20.25 11.94 -4.94
CA ASP A 112 -20.94 10.74 -4.49
C ASP A 112 -21.55 9.86 -5.61
N GLN A 113 -21.23 10.16 -6.88
CA GLN A 113 -21.73 9.38 -8.03
C GLN A 113 -20.61 9.05 -9.02
N ILE A 114 -19.40 8.93 -8.48
CA ILE A 114 -18.25 8.57 -9.29
C ILE A 114 -18.47 7.15 -9.79
N PRO A 115 -18.34 6.93 -11.11
CA PRO A 115 -18.77 5.62 -11.64
C PRO A 115 -17.71 4.53 -11.52
N PHE A 116 -17.38 4.16 -10.29
CA PHE A 116 -16.28 3.21 -10.02
C PHE A 116 -16.44 1.88 -10.75
N LYS A 117 -17.67 1.38 -10.89
CA LYS A 117 -17.90 0.11 -11.59
C LYS A 117 -17.50 0.14 -13.07
N ASP A 118 -17.49 1.33 -13.69
CA ASP A 118 -17.08 1.53 -15.07
C ASP A 118 -15.74 2.28 -15.18
N MET A 119 -14.91 2.12 -14.15
CA MET A 119 -13.57 2.67 -14.11
C MET A 119 -12.57 1.53 -13.91
N TRP A 120 -11.29 1.82 -14.09
CA TRP A 120 -10.25 0.87 -13.76
C TRP A 120 -10.38 0.49 -12.29
N PRO A 121 -10.17 -0.79 -11.94
CA PRO A 121 -10.40 -1.20 -10.56
C PRO A 121 -9.47 -0.54 -9.54
N ASP A 122 -8.27 -0.15 -9.97
CA ASP A 122 -7.35 0.54 -9.03
C ASP A 122 -7.91 1.88 -8.55
N ASP A 123 -8.71 2.55 -9.38
CA ASP A 123 -9.25 3.86 -9.04
C ASP A 123 -10.05 3.84 -7.75
N SER A 124 -10.71 2.72 -7.48
CA SER A 124 -11.46 2.53 -6.24
C SER A 124 -10.58 2.67 -5.00
N TYR A 125 -9.28 2.37 -5.16
CA TYR A 125 -8.32 2.45 -4.07
C TYR A 125 -7.75 3.85 -3.89
N TRP A 126 -7.31 4.48 -4.98
CA TRP A 126 -6.60 5.77 -4.84
C TRP A 126 -7.47 7.01 -5.01
N PHE A 127 -8.60 6.92 -5.72
CA PHE A 127 -9.46 8.11 -5.89
C PHE A 127 -9.87 8.69 -4.55
N PRO A 128 -10.25 7.83 -3.56
CA PRO A 128 -10.60 8.41 -2.26
C PRO A 128 -9.50 9.26 -1.62
N LEU A 129 -8.24 8.88 -1.84
CA LEU A 129 -7.11 9.65 -1.31
C LEU A 129 -7.04 11.01 -2.00
N LEU A 130 -7.26 11.00 -3.30
CA LEU A 130 -7.32 12.23 -4.08
C LEU A 130 -8.45 13.11 -3.56
N LEU A 131 -9.63 12.54 -3.32
CA LEU A 131 -10.76 13.34 -2.82
C LEU A 131 -10.51 13.89 -1.42
N GLN A 132 -9.72 13.17 -0.65
CA GLN A 132 -9.29 13.59 0.68
C GLN A 132 -8.07 14.52 0.69
N LYS A 133 -7.56 14.88 -0.49
CA LYS A 133 -6.42 15.79 -0.64
C LYS A 133 -5.16 15.23 0.03
N LYS A 134 -5.00 13.92 -0.08
CA LYS A 134 -3.80 13.23 0.38
C LYS A 134 -2.98 12.87 -0.85
N LYS A 135 -1.66 12.97 -0.75
CA LYS A 135 -0.75 12.57 -1.81
C LYS A 135 -0.38 11.13 -1.62
N PHE A 136 -0.17 10.41 -2.71
CA PHE A 136 0.04 8.95 -2.60
C PHE A 136 1.04 8.39 -3.60
N HIS A 137 1.55 7.21 -3.25
CA HIS A 137 2.28 6.36 -4.17
C HIS A 137 1.57 5.02 -4.18
N GLY A 138 1.30 4.52 -5.39
CA GLY A 138 0.67 3.23 -5.57
C GLY A 138 1.42 2.37 -6.54
N TYR A 139 1.23 1.07 -6.38
CA TYR A 139 1.70 0.07 -7.34
C TYR A 139 0.59 -0.96 -7.48
N PHE A 140 0.22 -1.27 -8.72
CA PHE A 140 -0.81 -2.28 -9.02
C PHE A 140 -0.30 -3.21 -10.11
N LYS A 141 -0.35 -4.51 -9.82
CA LYS A 141 -0.01 -5.57 -10.76
C LYS A 141 -1.31 -6.15 -11.27
N PHE A 142 -1.53 -6.03 -12.57
CA PHE A 142 -2.73 -6.50 -13.26
C PHE A 142 -2.46 -7.76 -14.07
N GLN A 143 -3.44 -8.67 -14.04
CA GLN A 143 -3.59 -9.74 -15.01
C GLN A 143 -4.72 -9.26 -15.93
N GLY A 144 -4.37 -8.82 -17.12
CA GLY A 144 -5.37 -8.29 -18.04
C GLY A 144 -5.86 -6.97 -17.53
N GLN A 145 -7.09 -6.61 -17.90
CA GLN A 145 -7.64 -5.30 -17.55
C GLN A 145 -8.55 -5.30 -16.33
N ASP A 146 -8.87 -6.49 -15.80
CA ASP A 146 -9.88 -6.62 -14.75
C ASP A 146 -9.38 -7.04 -13.37
N THR A 147 -8.22 -7.69 -13.31
CA THR A 147 -7.82 -8.40 -12.11
C THR A 147 -6.54 -7.81 -11.54
N ILE A 148 -6.64 -7.27 -10.33
CA ILE A 148 -5.48 -6.81 -9.57
C ILE A 148 -4.95 -8.00 -8.79
N LEU A 149 -3.72 -8.40 -9.09
CA LEU A 149 -3.09 -9.52 -8.41
C LEU A 149 -2.38 -9.11 -7.12
N ASP A 150 -1.69 -7.98 -7.18
N ASP A 150 -1.65 -8.01 -7.19
CA ASP A 150 -0.96 -7.45 -6.05
CA ASP A 150 -0.90 -7.45 -6.07
C ASP A 150 -1.05 -5.94 -6.09
C ASP A 150 -1.11 -5.95 -6.09
N TYR A 151 -1.01 -5.31 -4.92
CA TYR A 151 -0.90 -3.86 -4.90
C TYR A 151 -0.28 -3.34 -3.62
N THR A 152 0.33 -2.17 -3.72
CA THR A 152 0.69 -1.37 -2.55
C THR A 152 0.17 0.02 -2.72
N LEU A 153 -0.18 0.64 -1.60
CA LEU A 153 -0.66 2.01 -1.61
C LEU A 153 -0.31 2.68 -0.30
N ARG A 154 0.35 3.84 -0.36
CA ARG A 154 0.62 4.62 0.85
C ARG A 154 0.52 6.09 0.58
N GLU A 155 0.42 6.86 1.65
CA GLU A 155 0.46 8.31 1.55
C GLU A 155 1.92 8.75 1.64
N VAL A 156 2.22 9.85 0.98
CA VAL A 156 3.57 10.43 0.96
C VAL A 156 3.51 11.92 1.26
N ASP A 157 4.64 12.48 1.69
CA ASP A 157 4.81 13.93 1.82
C ASP A 157 5.23 14.56 0.50
N THR A 158 6.06 13.87 -0.28
CA THR A 158 6.57 14.33 -1.56
C THR A 158 6.20 13.32 -2.65
N VAL A 159 5.48 13.78 -3.67
CA VAL A 159 5.09 12.89 -4.78
C VAL A 159 6.30 12.52 -5.64
N ALA B 6 -12.30 -18.51 7.27
CA ALA B 6 -12.03 -18.92 8.68
C ALA B 6 -10.63 -18.47 9.07
N SER B 7 -10.51 -17.78 10.21
CA SER B 7 -9.19 -17.34 10.66
C SER B 7 -9.00 -17.54 12.15
N ARG B 8 -7.74 -17.44 12.53
CA ARG B 8 -7.30 -17.54 13.90
C ARG B 8 -6.51 -16.28 14.25
N LEU B 9 -6.73 -15.75 15.45
CA LEU B 9 -6.02 -14.55 15.91
C LEU B 9 -4.61 -14.84 16.39
N TYR B 10 -3.68 -13.98 15.95
CA TYR B 10 -2.31 -13.95 16.40
C TYR B 10 -1.89 -12.53 16.76
N THR B 11 -0.81 -12.43 17.53
CA THR B 11 -0.16 -11.17 17.84
C THR B 11 1.27 -11.15 17.40
N LEU B 12 1.73 -9.96 17.07
CA LEU B 12 3.12 -9.71 16.69
C LEU B 12 3.52 -8.39 17.31
N VAL B 13 4.60 -8.42 18.10
CA VAL B 13 5.03 -7.28 18.85
C VAL B 13 6.45 -6.90 18.45
N LEU B 14 6.61 -5.64 18.02
CA LEU B 14 7.91 -5.07 17.67
C LEU B 14 8.32 -4.03 18.73
N VAL B 15 9.40 -4.30 19.46
CA VAL B 15 9.92 -3.31 20.39
C VAL B 15 10.83 -2.43 19.56
N LEU B 16 10.38 -1.21 19.28
CA LEU B 16 11.03 -0.34 18.32
C LEU B 16 11.41 0.93 19.02
N GLN B 17 12.69 1.07 19.26
CA GLN B 17 13.26 2.24 19.91
C GLN B 17 13.86 3.13 18.82
N PRO B 18 14.20 4.39 19.15
CA PRO B 18 14.67 5.32 18.11
C PRO B 18 15.79 4.80 17.21
N GLN B 19 16.76 4.08 17.77
CA GLN B 19 17.93 3.63 17.00
C GLN B 19 17.98 2.11 16.82
N ARG B 20 16.99 1.38 17.34
CA ARG B 20 17.08 -0.08 17.37
C ARG B 20 15.73 -0.79 17.53
N VAL B 21 15.70 -2.05 17.13
CA VAL B 21 14.52 -2.90 17.26
C VAL B 21 14.87 -4.23 17.91
N LEU B 22 14.01 -4.74 18.79
CA LEU B 22 14.23 -6.06 19.38
C LEU B 22 13.52 -7.11 18.54
N LEU B 23 14.23 -8.17 18.18
CA LEU B 23 13.62 -9.32 17.53
C LEU B 23 13.98 -10.58 18.30
N GLY B 24 13.24 -11.65 18.04
CA GLY B 24 13.44 -12.93 18.70
C GLY B 24 13.78 -13.98 17.66
N MET B 25 14.81 -14.76 17.92
CA MET B 25 15.13 -15.92 17.10
C MET B 25 14.21 -17.04 17.57
N LYS B 26 13.32 -17.52 16.69
CA LYS B 26 12.35 -18.56 17.07
C LYS B 26 13.08 -19.90 17.15
N LYS B 27 13.05 -20.51 18.34
CA LYS B 27 13.88 -21.68 18.64
C LYS B 27 13.21 -23.01 18.29
N ARG B 28 11.90 -23.02 18.04
CA ARG B 28 11.19 -24.27 17.70
C ARG B 28 9.86 -24.04 16.99
N GLY B 29 9.33 -25.10 16.41
CA GLY B 29 8.03 -25.07 15.72
C GLY B 29 8.07 -24.47 14.32
N PHE B 30 6.89 -24.17 13.79
CA PHE B 30 6.75 -23.60 12.44
C PHE B 30 7.45 -22.23 12.36
N GLY B 31 8.41 -22.12 11.44
CA GLY B 31 9.24 -20.92 11.32
C GLY B 31 10.42 -20.81 12.26
N ALA B 32 10.85 -21.92 12.87
CA ALA B 32 12.07 -21.89 13.71
C ALA B 32 13.27 -21.53 12.86
N GLY B 33 14.22 -20.81 13.44
CA GLY B 33 15.43 -20.39 12.73
C GLY B 33 15.32 -19.03 12.06
N ARG B 34 14.16 -18.39 12.20
CA ARG B 34 13.96 -17.04 11.68
C ARG B 34 13.79 -16.07 12.81
N TRP B 35 14.21 -14.83 12.56
CA TRP B 35 14.01 -13.75 13.49
C TRP B 35 12.63 -13.21 13.19
N ASN B 36 11.90 -12.91 14.25
CA ASN B 36 10.61 -12.24 14.07
C ASN B 36 10.23 -11.47 15.31
N GLY B 37 9.15 -10.71 15.22
CA GLY B 37 8.62 -10.06 16.40
C GLY B 37 8.11 -11.10 17.40
N PHE B 38 7.82 -10.65 18.60
CA PHE B 38 7.30 -11.54 19.64
C PHE B 38 5.80 -11.68 19.46
N GLY B 39 5.25 -12.79 19.89
CA GLY B 39 3.82 -12.99 19.83
C GLY B 39 3.49 -14.43 19.55
N GLY B 40 2.26 -14.64 19.11
CA GLY B 40 1.76 -15.97 18.86
C GLY B 40 0.26 -15.98 18.94
N LYS B 41 -0.29 -17.17 19.18
CA LYS B 41 -1.72 -17.37 19.19
C LYS B 41 -2.37 -16.65 20.37
N VAL B 42 -3.56 -16.11 20.14
CA VAL B 42 -4.37 -15.48 21.19
C VAL B 42 -5.30 -16.55 21.77
N GLN B 43 -5.40 -16.56 23.10
CA GLN B 43 -6.19 -17.54 23.83
C GLN B 43 -7.63 -17.11 24.00
N GLU B 44 -8.49 -18.10 24.23
CA GLU B 44 -9.85 -17.85 24.71
C GLU B 44 -9.75 -17.14 26.07
N GLY B 45 -10.52 -16.07 26.24
CA GLY B 45 -10.59 -15.39 27.52
C GLY B 45 -9.56 -14.31 27.77
N GLU B 46 -8.75 -13.97 26.77
CA GLU B 46 -7.88 -12.79 26.88
C GLU B 46 -8.13 -11.90 25.68
N THR B 47 -7.95 -10.61 25.87
CA THR B 47 -7.98 -9.67 24.76
C THR B 47 -6.76 -9.89 23.87
N ILE B 48 -6.83 -9.35 22.67
CA ILE B 48 -5.71 -9.45 21.74
C ILE B 48 -4.47 -8.79 22.34
N GLU B 49 -4.62 -7.58 22.88
CA GLU B 49 -3.51 -6.90 23.51
C GLU B 49 -2.99 -7.68 24.75
N ASP B 50 -3.89 -8.24 25.56
CA ASP B 50 -3.48 -9.11 26.67
C ASP B 50 -2.61 -10.27 26.15
N GLY B 51 -3.05 -10.86 25.04
CA GLY B 51 -2.33 -11.97 24.42
C GLY B 51 -0.94 -11.55 23.97
N ALA B 52 -0.84 -10.35 23.40
CA ALA B 52 0.46 -9.81 22.95
C ALA B 52 1.38 -9.66 24.14
N ARG B 53 0.86 -9.09 25.23
CA ARG B 53 1.67 -8.89 26.43
C ARG B 53 2.09 -10.22 27.06
N ARG B 54 1.18 -11.19 27.08
CA ARG B 54 1.50 -12.50 27.65
C ARG B 54 2.62 -13.15 26.85
N GLU B 55 2.50 -13.13 25.53
CA GLU B 55 3.51 -13.72 24.66
C GLU B 55 4.86 -13.01 24.77
N LEU B 56 4.82 -11.68 24.86
CA LEU B 56 6.05 -10.88 25.05
C LEU B 56 6.77 -11.30 26.32
N GLN B 57 6.02 -11.41 27.42
CA GLN B 57 6.62 -11.80 28.69
C GLN B 57 7.14 -13.25 28.65
N GLU B 58 6.38 -14.18 28.08
CA GLU B 58 6.78 -15.60 27.96
C GLU B 58 8.06 -15.78 27.15
N GLU B 59 8.17 -14.98 26.09
CA GLU B 59 9.24 -15.15 25.12
C GLU B 59 10.51 -14.34 25.42
N SER B 60 10.36 -13.23 26.15
CA SER B 60 11.44 -12.29 26.40
C SER B 60 11.65 -11.83 27.85
N GLY B 61 10.69 -12.15 28.72
CA GLY B 61 10.63 -11.60 30.07
C GLY B 61 10.16 -10.16 30.20
N LEU B 62 9.97 -9.44 29.08
CA LEU B 62 9.60 -8.03 29.16
C LEU B 62 8.13 -7.81 29.45
N THR B 63 7.87 -6.77 30.22
CA THR B 63 6.56 -6.13 30.33
C THR B 63 6.72 -4.72 29.77
N VAL B 64 5.58 -4.10 29.45
CA VAL B 64 5.57 -2.76 28.85
C VAL B 64 4.48 -1.93 29.51
N ASP B 65 4.68 -0.63 29.51
CA ASP B 65 3.65 0.29 29.97
C ASP B 65 2.47 0.24 29.01
N ALA B 66 2.76 0.38 27.72
CA ALA B 66 1.73 0.41 26.68
C ALA B 66 2.19 -0.29 25.42
N LEU B 67 1.21 -0.83 24.69
CA LEU B 67 1.40 -1.33 23.34
C LEU B 67 0.49 -0.52 22.43
N HIS B 68 0.99 -0.21 21.24
CA HIS B 68 0.26 0.60 20.26
C HIS B 68 -0.06 -0.26 19.05
N LYS B 69 -1.31 -0.24 18.61
CA LYS B 69 -1.71 -0.97 17.41
C LYS B 69 -1.10 -0.27 16.22
N VAL B 70 -0.34 -1.01 15.43
CA VAL B 70 0.29 -0.45 14.23
C VAL B 70 -0.15 -1.12 12.92
N GLY B 71 -0.68 -2.33 12.98
CA GLY B 71 -1.14 -2.95 11.76
C GLY B 71 -1.87 -4.24 11.94
N GLN B 72 -2.39 -4.72 10.82
CA GLN B 72 -3.00 -6.03 10.76
C GLN B 72 -2.48 -6.69 9.50
N ILE B 73 -2.09 -7.94 9.62
CA ILE B 73 -1.63 -8.71 8.47
C ILE B 73 -2.36 -10.04 8.48
N VAL B 74 -2.94 -10.38 7.34
CA VAL B 74 -3.54 -11.69 7.14
C VAL B 74 -2.60 -12.57 6.31
N PHE B 75 -2.30 -13.77 6.83
CA PHE B 75 -1.49 -14.74 6.10
C PHE B 75 -2.37 -15.90 5.66
N GLU B 76 -2.24 -16.28 4.40
CA GLU B 76 -2.88 -17.47 3.88
C GLU B 76 -1.77 -18.37 3.40
N PHE B 77 -1.75 -19.60 3.91
CA PHE B 77 -0.80 -20.60 3.44
C PHE B 77 -1.54 -21.61 2.60
N VAL B 78 -1.01 -21.89 1.41
CA VAL B 78 -1.60 -22.88 0.51
C VAL B 78 -1.61 -24.21 1.25
N GLY B 79 -2.73 -24.92 1.17
CA GLY B 79 -2.90 -26.19 1.89
C GLY B 79 -3.42 -26.09 3.32
N GLU B 80 -3.48 -24.89 3.89
CA GLU B 80 -4.03 -24.67 5.23
C GLU B 80 -5.36 -23.96 5.10
N PRO B 81 -6.46 -24.55 5.62
CA PRO B 81 -7.76 -23.88 5.49
C PRO B 81 -7.88 -22.62 6.35
N GLU B 82 -7.18 -22.59 7.49
CA GLU B 82 -7.26 -21.49 8.44
C GLU B 82 -6.29 -20.35 8.08
N LEU B 83 -6.81 -19.14 7.98
CA LEU B 83 -5.99 -17.94 7.83
C LEU B 83 -5.41 -17.52 9.18
N MET B 84 -4.27 -16.83 9.14
CA MET B 84 -3.73 -16.20 10.35
C MET B 84 -4.08 -14.71 10.31
N ASP B 85 -4.79 -14.24 11.33
CA ASP B 85 -5.19 -12.84 11.43
C ASP B 85 -4.27 -12.23 12.48
N VAL B 86 -3.20 -11.60 12.02
CA VAL B 86 -2.13 -11.12 12.90
C VAL B 86 -2.29 -9.66 13.22
N HIS B 87 -2.44 -9.38 14.50
CA HIS B 87 -2.53 -8.01 15.01
C HIS B 87 -1.14 -7.58 15.45
N VAL B 88 -0.65 -6.52 14.81
CA VAL B 88 0.72 -6.05 15.00
C VAL B 88 0.72 -4.86 15.95
N PHE B 89 1.66 -4.90 16.89
CA PHE B 89 1.80 -3.87 17.91
C PHE B 89 3.24 -3.39 17.95
N CYS B 90 3.40 -2.14 18.41
CA CYS B 90 4.68 -1.53 18.63
CA CYS B 90 4.71 -1.57 18.67
C CYS B 90 4.76 -0.95 20.06
N THR B 91 5.97 -0.87 20.60
CA THR B 91 6.25 -0.20 21.85
C THR B 91 7.71 0.25 21.85
N ASP B 92 7.96 1.38 22.49
CA ASP B 92 9.31 1.88 22.70
C ASP B 92 9.70 1.63 24.15
N SER B 93 8.90 2.16 25.08
CA SER B 93 9.14 1.94 26.52
C SER B 93 8.88 0.50 26.91
N ILE B 94 9.91 -0.14 27.48
CA ILE B 94 9.82 -1.48 28.03
C ILE B 94 10.27 -1.44 29.49
N GLN B 95 9.85 -2.45 30.25
CA GLN B 95 10.16 -2.57 31.66
C GLN B 95 10.96 -3.84 31.84
N GLY B 96 12.13 -3.71 32.45
CA GLY B 96 13.08 -4.82 32.56
C GLY B 96 14.00 -4.85 31.36
N THR B 97 14.90 -5.82 31.36
CA THR B 97 15.84 -6.03 30.26
C THR B 97 15.54 -7.40 29.67
N PRO B 98 15.64 -7.55 28.35
CA PRO B 98 15.18 -8.81 27.75
C PRO B 98 16.11 -9.96 28.07
N VAL B 99 15.54 -11.14 28.25
CA VAL B 99 16.29 -12.38 28.47
C VAL B 99 15.78 -13.51 27.57
N GLU B 100 16.60 -14.53 27.40
CA GLU B 100 16.23 -15.68 26.55
C GLU B 100 15.18 -16.54 27.25
N SER B 101 14.22 -17.01 26.46
CA SER B 101 13.19 -17.96 26.89
C SER B 101 13.36 -19.27 26.14
N ASP B 102 12.56 -20.26 26.53
CA ASP B 102 12.42 -21.52 25.80
C ASP B 102 12.05 -21.34 24.32
N GLU B 103 11.18 -20.37 24.05
CA GLU B 103 10.59 -20.17 22.72
C GLU B 103 11.44 -19.29 21.80
N MET B 104 12.10 -18.26 22.37
CA MET B 104 12.85 -17.27 21.59
C MET B 104 14.08 -16.72 22.29
N ARG B 105 15.11 -16.35 21.51
N ARG B 105 15.07 -16.30 21.48
CA ARG B 105 16.22 -15.58 22.02
CA ARG B 105 16.24 -15.59 21.96
C ARG B 105 16.13 -14.14 21.51
C ARG B 105 16.16 -14.13 21.50
N PRO B 106 15.86 -13.18 22.42
CA PRO B 106 15.87 -11.76 22.03
C PRO B 106 17.26 -11.23 21.64
N CYS B 107 17.26 -10.30 20.69
CA CYS B 107 18.50 -9.62 20.27
C CYS B 107 18.11 -8.26 19.72
N TRP B 108 18.87 -7.23 20.08
CA TRP B 108 18.68 -5.89 19.55
C TRP B 108 19.38 -5.80 18.18
N PHE B 109 18.73 -5.11 17.25
CA PHE B 109 19.32 -4.79 15.95
C PHE B 109 19.25 -3.30 15.70
N GLN B 110 20.39 -2.71 15.33
CA GLN B 110 20.41 -1.38 14.76
C GLN B 110 19.50 -1.39 13.55
N LEU B 111 18.81 -0.27 13.33
CA LEU B 111 17.80 -0.23 12.26
C LEU B 111 18.41 -0.45 10.86
N ASP B 112 19.71 -0.18 10.66
CA ASP B 112 20.36 -0.50 9.38
C ASP B 112 20.88 -1.93 9.25
N GLN B 113 20.66 -2.76 10.26
CA GLN B 113 21.10 -4.15 10.23
C GLN B 113 19.97 -5.13 10.53
N ILE B 114 18.74 -4.77 10.19
CA ILE B 114 17.59 -5.64 10.43
C ILE B 114 17.84 -6.85 9.53
N PRO B 115 17.80 -8.07 10.08
CA PRO B 115 18.27 -9.23 9.31
C PRO B 115 17.22 -9.83 8.38
N PHE B 116 16.79 -9.04 7.39
CA PHE B 116 15.69 -9.45 6.50
C PHE B 116 15.90 -10.77 5.77
N LYS B 117 17.15 -11.06 5.43
CA LYS B 117 17.50 -12.34 4.80
C LYS B 117 17.11 -13.58 5.66
N ASP B 118 17.10 -13.43 6.98
CA ASP B 118 16.76 -14.54 7.89
C ASP B 118 15.47 -14.20 8.65
N MET B 119 14.59 -13.44 7.99
CA MET B 119 13.26 -13.14 8.48
C MET B 119 12.24 -13.66 7.45
N TRP B 120 10.98 -13.70 7.84
CA TRP B 120 9.93 -14.02 6.89
C TRP B 120 9.94 -12.98 5.75
N PRO B 121 9.71 -13.41 4.50
CA PRO B 121 9.85 -12.45 3.39
C PRO B 121 8.84 -11.31 3.37
N ASP B 122 7.68 -11.49 4.00
CA ASP B 122 6.74 -10.37 4.09
C ASP B 122 7.27 -9.18 4.90
N ASP B 123 8.13 -9.44 5.89
CA ASP B 123 8.65 -8.37 6.75
C ASP B 123 9.33 -7.25 5.97
N SER B 124 10.04 -7.56 4.90
N SER B 124 10.03 -7.60 4.90
CA SER B 124 10.69 -6.51 4.11
CA SER B 124 10.66 -6.64 4.01
C SER B 124 9.67 -5.61 3.39
C SER B 124 9.65 -5.62 3.46
N TYR B 125 8.42 -6.08 3.24
CA TYR B 125 7.35 -5.24 2.67
C TYR B 125 6.78 -4.25 3.67
N TRP B 126 6.44 -4.71 4.88
CA TRP B 126 5.73 -3.86 5.84
C TRP B 126 6.64 -3.14 6.84
N PHE B 127 7.88 -3.61 7.03
CA PHE B 127 8.81 -2.89 7.92
C PHE B 127 8.98 -1.41 7.58
N PRO B 128 9.10 -1.07 6.28
CA PRO B 128 9.18 0.34 5.93
C PRO B 128 8.04 1.16 6.51
N LEU B 129 6.81 0.63 6.48
CA LEU B 129 5.68 1.37 7.05
C LEU B 129 5.75 1.44 8.58
N LEU B 130 6.14 0.34 9.23
CA LEU B 130 6.38 0.35 10.69
C LEU B 130 7.40 1.44 11.06
N LEU B 131 8.52 1.48 10.35
CA LEU B 131 9.60 2.44 10.65
C LEU B 131 9.21 3.89 10.41
N GLN B 132 8.31 4.12 9.45
CA GLN B 132 7.73 5.44 9.19
C GLN B 132 6.54 5.79 10.10
N LYS B 133 6.22 4.91 11.05
CA LYS B 133 5.09 5.09 11.96
C LYS B 133 3.77 5.26 11.21
N LYS B 134 3.58 4.45 10.16
CA LYS B 134 2.37 4.44 9.37
C LYS B 134 1.59 3.19 9.70
N LYS B 135 0.30 3.34 9.95
CA LYS B 135 -0.59 2.20 10.22
C LYS B 135 -0.81 1.44 8.92
N PHE B 136 -0.94 0.12 8.98
CA PHE B 136 -1.10 -0.65 7.74
C PHE B 136 -1.99 -1.87 7.84
N HIS B 137 -2.55 -2.27 6.70
CA HIS B 137 -3.21 -3.57 6.55
C HIS B 137 -2.48 -4.30 5.43
N GLY B 138 -2.12 -5.55 5.71
CA GLY B 138 -1.44 -6.37 4.74
C GLY B 138 -2.12 -7.72 4.58
N TYR B 139 -1.93 -8.29 3.40
CA TYR B 139 -2.32 -9.65 3.10
C TYR B 139 -1.18 -10.29 2.33
N PHE B 140 -0.79 -11.51 2.72
CA PHE B 140 0.24 -12.27 2.01
C PHE B 140 -0.19 -13.70 1.86
N LYS B 141 -0.18 -14.21 0.63
CA LYS B 141 -0.46 -15.62 0.36
C LYS B 141 0.88 -16.29 0.16
N PHE B 142 1.13 -17.34 0.94
CA PHE B 142 2.38 -18.07 0.93
C PHE B 142 2.22 -19.46 0.35
N GLN B 143 3.25 -19.91 -0.36
CA GLN B 143 3.40 -21.31 -0.69
C GLN B 143 4.62 -21.79 0.07
N GLY B 144 4.39 -22.56 1.13
CA GLY B 144 5.45 -22.92 2.05
C GLY B 144 5.95 -21.71 2.78
N GLN B 145 7.20 -21.75 3.21
CA GLN B 145 7.75 -20.73 4.08
C GLN B 145 8.55 -19.63 3.35
N ASP B 146 8.88 -19.85 2.08
CA ASP B 146 9.83 -18.99 1.35
C ASP B 146 9.25 -18.24 0.16
N THR B 147 8.01 -18.56 -0.23
CA THR B 147 7.42 -18.04 -1.46
C THR B 147 6.14 -17.24 -1.23
N ILE B 148 6.15 -15.97 -1.62
CA ILE B 148 4.96 -15.14 -1.59
C ILE B 148 4.33 -15.22 -2.97
N LEU B 149 3.12 -15.76 -3.04
CA LEU B 149 2.41 -15.86 -4.32
C LEU B 149 1.73 -14.57 -4.73
N ASP B 150 1.14 -13.91 -3.75
CA ASP B 150 0.54 -12.60 -3.98
C ASP B 150 0.41 -11.86 -2.67
N TYR B 151 0.27 -10.55 -2.77
CA TYR B 151 0.15 -9.73 -1.57
C TYR B 151 -0.55 -8.42 -1.83
N THR B 152 -1.04 -7.83 -0.76
CA THR B 152 -1.50 -6.44 -0.75
C THR B 152 -0.98 -5.76 0.48
N LEU B 153 -0.69 -4.46 0.36
CA LEU B 153 -0.24 -3.69 1.50
C LEU B 153 -0.71 -2.26 1.35
N ARG B 154 -1.49 -1.79 2.33
CA ARG B 154 -2.12 -0.47 2.25
C ARG B 154 -1.93 0.27 3.55
N GLU B 155 -1.49 1.53 3.47
CA GLU B 155 -1.50 2.39 4.64
C GLU B 155 -2.95 2.67 5.00
N VAL B 156 -3.28 2.58 6.29
CA VAL B 156 -4.66 2.82 6.74
C VAL B 156 -4.79 3.93 7.76
N ASP B 157 -6.02 4.41 7.92
CA ASP B 157 -6.34 5.42 8.93
C ASP B 157 -6.64 4.77 10.27
N THR B 158 -7.20 3.57 10.24
CA THR B 158 -7.63 2.86 11.45
C THR B 158 -7.16 1.41 11.35
N VAL B 159 -6.39 0.95 12.33
CA VAL B 159 -5.89 -0.43 12.31
C VAL B 159 -7.07 -1.39 12.49
C1 C9B C . -5.97 3.30 -14.53
C2 C9B C . -5.78 3.79 -15.85
C3 C9B C . -5.04 2.95 -16.71
C7 C9B C . -4.94 5.68 -18.66
C8 C9B C . -5.69 6.78 -19.10
C9 C9B C . -5.16 8.08 -19.04
C10 C9B C . -3.87 8.26 -18.53
C11 C9B C . -3.12 7.16 -18.08
C12 C9B C . -3.65 5.87 -18.14
C13 C9B C . -5.67 3.93 -20.24
C14 C9B C . -3.91 2.41 -20.20
C15 C9B C . -3.64 2.62 -18.70
C16 C9B C . -6.44 5.05 -15.86
N1 C9B C . -5.54 2.11 -14.03
C4 C9B C . -4.56 1.72 -16.22
N2 C9B C . -4.77 3.27 -18.04
N3 C9B C . -6.98 5.33 -14.70
C5 C9B C . -4.84 1.36 -14.89
C6 C9B C . -5.54 4.29 -18.75
N4 C9B C . -6.69 4.28 -13.90
O1 C9B C . -4.39 3.62 -20.75
S SO4 D . 7.87 10.37 1.70
O1 SO4 D . 6.67 9.79 2.35
O2 SO4 D . 8.37 9.37 0.71
O3 SO4 D . 7.51 11.64 1.00
O4 SO4 D . 8.93 10.67 2.70
S SO4 E . 7.60 4.17 -2.31
O1 SO4 E . 6.19 3.98 -1.88
O2 SO4 E . 8.19 2.87 -2.73
O3 SO4 E . 8.41 4.72 -1.20
O4 SO4 E . 7.65 5.10 -3.47
S SO4 F . -5.92 25.20 -8.61
O1 SO4 F . -6.18 24.19 -7.56
O2 SO4 F . -6.01 24.52 -9.95
O3 SO4 F . -6.93 26.26 -8.49
O4 SO4 F . -4.56 25.76 -8.42
S SO4 G . 2.72 21.13 -6.66
O1 SO4 G . 3.30 20.47 -5.47
O2 SO4 G . 2.62 20.17 -7.77
O3 SO4 G . 3.68 22.19 -7.02
O4 SO4 G . 1.41 21.71 -6.35
S SO4 H . -19.64 23.26 -17.71
O1 SO4 H . -18.35 22.55 -17.85
O2 SO4 H . -20.71 22.38 -18.22
O3 SO4 H . -19.64 24.51 -18.52
O4 SO4 H . -19.92 23.56 -16.28
C1 C9B I . 5.80 -13.45 9.45
C2 C9B I . 5.75 -14.25 10.62
C3 C9B I . 5.14 -15.51 10.46
C7 C9B I . 4.72 -15.49 13.74
C8 C9B I . 5.18 -15.04 14.99
C9 C9B I . 4.29 -14.34 15.83
C10 C9B I . 2.98 -14.08 15.41
C11 C9B I . 2.52 -14.53 14.16
C12 C9B I . 3.40 -15.24 13.33
C13 C9B I . 6.14 -17.57 13.43
C14 C9B I . 4.95 -18.88 11.96
C15 C9B I . 4.32 -17.70 11.20
C16 C9B I . 6.36 -13.46 11.64
N1 C9B I . 5.34 -13.76 8.22
C4 C9B I . 4.65 -15.88 9.20
N2 C9B I . 5.01 -16.45 11.50
N3 C9B I . 6.76 -12.30 11.18
C5 C9B I . 4.77 -14.97 8.12
C6 C9B I . 5.64 -16.25 12.80
N4 C9B I . 6.42 -12.30 9.87
O1 C9B I . 5.12 -18.54 13.33
S SO4 J . -9.02 2.94 6.30
O1 SO4 J . -9.15 1.48 6.02
O2 SO4 J . -10.23 3.68 5.88
O3 SO4 J . -7.81 3.47 5.62
O4 SO4 J . -8.87 3.12 7.77
S SO4 K . 5.84 3.70 23.87
O1 SO4 K . 5.66 2.26 24.22
O2 SO4 K . 6.11 3.80 22.42
O3 SO4 K . 4.62 4.45 24.21
O4 SO4 K . 6.98 4.24 24.64
S SO4 L . 7.31 -7.29 -5.98
O1 SO4 L . 7.41 -8.76 -6.05
O2 SO4 L . 5.94 -6.83 -6.34
O3 SO4 L . 8.30 -6.70 -6.89
O4 SO4 L . 7.65 -6.88 -4.59
S SO4 M . -7.84 -3.92 3.67
O1 SO4 M . -6.95 -4.96 4.23
O2 SO4 M . -9.10 -4.56 3.21
O3 SO4 M . -7.16 -3.25 2.53
O4 SO4 M . -8.17 -2.95 4.73
S SO4 N . -8.51 -6.06 21.98
O1 SO4 N . -8.89 -7.52 21.86
O2 SO4 N . -8.55 -5.40 20.64
O3 SO4 N . -9.50 -5.41 22.90
O4 SO4 N . -7.13 -5.92 22.58
#